data_6MC8
#
_entry.id   6MC8
#
_cell.length_a   54.417
_cell.length_b   80.985
_cell.length_c   148.868
_cell.angle_alpha   90.000
_cell.angle_beta   90.000
_cell.angle_gamma   90.000
#
_symmetry.space_group_name_H-M   'P 21 21 21'
#
loop_
_entity.id
_entity.type
_entity.pdbx_description
1 polymer 'DNA repair protein PprA'
2 water water
#
_entity_poly.entity_id   1
_entity_poly.type   'polypeptide(L)'
_entity_poly.pdbx_seq_one_letter_code
;MRSGSHHHHHHRSDITSLYKKAGLENLYFQGSVNPLARFAELVATAGLQSDVQALADSGADDTTLEAQLTQELRLAHDRW
GLGLLHLQHSARLIHTDGVPSDIALLVDGAPRAQLSDGARAIAGTYASMQAPGPEGRSEWGILPEGHRVTLRPGLGQLRV
LIEDARDFETHWTPGAAQTWTRTWRQGETLAVEVHRPATPATALAKAAWKVITSIKDRTFQRELMERSNQVGMLGALLGA
RHSGAGDALNQLPEAHFAVSSAVVRETGREGREVDRWKAMQREATETLDELQKAATRRLAAVLSGGLR
;
_entity_poly.pdbx_strand_id   A,B
#
# COMPACT_ATOMS: atom_id res chain seq x y z
C VAL A 33 -26.76 -4.69 -33.27
N ASN A 34 -26.05 -5.49 -34.05
CA ASN A 34 -26.07 -6.95 -33.90
C ASN A 34 -25.16 -7.26 -32.72
N PRO A 35 -23.89 -6.81 -32.76
CA PRO A 35 -22.95 -7.08 -31.67
C PRO A 35 -23.30 -6.35 -30.36
N LEU A 36 -23.67 -5.07 -30.50
CA LEU A 36 -24.03 -4.20 -29.34
C LEU A 36 -25.27 -4.76 -28.67
N ALA A 37 -26.26 -5.20 -29.46
CA ALA A 37 -27.47 -5.75 -28.89
C ALA A 37 -27.17 -6.98 -28.03
N ARG A 38 -26.21 -7.80 -28.46
CA ARG A 38 -25.82 -8.95 -27.66
C ARG A 38 -25.15 -8.52 -26.36
N PHE A 39 -24.39 -7.43 -26.41
CA PHE A 39 -23.74 -6.93 -25.20
C PHE A 39 -24.75 -6.33 -24.23
N ALA A 40 -25.76 -5.64 -24.77
CA ALA A 40 -26.77 -5.01 -23.93
C ALA A 40 -27.61 -6.05 -23.20
N GLU A 41 -27.82 -7.20 -23.84
CA GLU A 41 -28.60 -8.27 -23.23
C GLU A 41 -27.78 -8.99 -22.17
N LEU A 42 -26.46 -9.00 -22.31
CA LEU A 42 -25.60 -9.60 -21.31
C LEU A 42 -25.55 -8.78 -20.03
N VAL A 43 -25.32 -7.48 -20.15
CA VAL A 43 -25.18 -6.63 -18.97
C VAL A 43 -26.52 -6.24 -18.37
N ALA A 44 -27.63 -6.53 -19.04
CA ALA A 44 -28.95 -6.34 -18.44
C ALA A 44 -29.26 -7.41 -17.40
N THR A 45 -28.52 -8.52 -17.41
CA THR A 45 -28.61 -9.48 -16.32
C THR A 45 -27.99 -8.96 -15.04
N ALA A 46 -27.15 -7.94 -15.13
CA ALA A 46 -26.66 -7.22 -13.97
C ALA A 46 -27.42 -5.94 -13.69
N GLY A 47 -28.53 -5.70 -14.38
CA GLY A 47 -29.35 -4.55 -14.12
C GLY A 47 -28.99 -3.30 -14.87
N LEU A 48 -28.12 -3.40 -15.87
CA LEU A 48 -27.66 -2.23 -16.60
C LEU A 48 -28.53 -1.98 -17.83
N GLN A 49 -28.73 -0.72 -18.12
CA GLN A 49 -29.33 -0.31 -19.40
C GLN A 49 -28.15 0.21 -20.20
N SER A 50 -27.73 -0.51 -21.23
CA SER A 50 -26.51 -0.22 -21.95
C SER A 50 -26.67 1.00 -22.84
N ASP A 51 -25.63 1.81 -22.90
CA ASP A 51 -25.62 3.04 -23.70
C ASP A 51 -24.83 2.92 -24.98
N VAL A 52 -24.31 1.72 -25.30
CA VAL A 52 -23.31 1.60 -26.35
C VAL A 52 -23.95 1.73 -27.73
N GLN A 53 -25.15 1.17 -27.90
CA GLN A 53 -25.87 1.32 -29.16
C GLN A 53 -26.29 2.77 -29.39
N ALA A 54 -26.62 3.49 -28.31
CA ALA A 54 -27.00 4.90 -28.44
C ALA A 54 -25.79 5.78 -28.74
N LEU A 55 -24.61 5.39 -28.25
CA LEU A 55 -23.41 6.15 -28.56
C LEU A 55 -22.95 5.89 -29.98
N ALA A 56 -23.13 4.66 -30.47
CA ALA A 56 -22.73 4.33 -31.84
C ALA A 56 -23.62 5.04 -32.85
N ASP A 57 -24.92 5.13 -32.55
CA ASP A 57 -25.83 5.82 -33.44
C ASP A 57 -25.67 7.34 -33.40
N SER A 58 -24.99 7.86 -32.39
CA SER A 58 -24.82 9.29 -32.22
C SER A 58 -23.45 9.80 -32.69
N GLY A 59 -22.66 8.93 -33.31
CA GLY A 59 -21.44 9.36 -33.97
C GLY A 59 -20.16 9.17 -33.19
N ALA A 60 -20.17 8.37 -32.12
CA ALA A 60 -18.97 8.14 -31.37
C ALA A 60 -18.04 7.17 -32.10
N ASP A 61 -16.74 7.40 -31.94
CA ASP A 61 -15.74 6.53 -32.56
C ASP A 61 -15.56 5.27 -31.72
N ASP A 62 -14.63 4.42 -32.17
CA ASP A 62 -14.43 3.14 -31.51
C ASP A 62 -13.81 3.29 -30.13
N THR A 63 -13.03 4.36 -29.93
CA THR A 63 -12.38 4.57 -28.63
C THR A 63 -13.41 4.98 -27.57
N THR A 64 -14.39 5.79 -27.94
CA THR A 64 -15.47 6.15 -27.03
C THR A 64 -16.38 4.94 -26.77
N LEU A 65 -16.64 4.15 -27.81
CA LEU A 65 -17.49 2.97 -27.66
C LEU A 65 -16.84 1.91 -26.78
N GLU A 66 -15.54 1.66 -26.98
CA GLU A 66 -14.85 0.64 -26.20
C GLU A 66 -14.65 1.09 -24.76
N ALA A 67 -14.61 2.39 -24.52
CA ALA A 67 -14.55 2.89 -23.15
C ALA A 67 -15.88 2.67 -22.44
N GLN A 68 -16.98 2.78 -23.17
CA GLN A 68 -18.28 2.52 -22.57
C GLN A 68 -18.52 1.02 -22.40
N LEU A 69 -17.96 0.22 -23.29
CA LEU A 69 -18.08 -1.25 -23.20
C LEU A 69 -17.36 -1.74 -21.95
N THR A 70 -16.20 -1.19 -21.71
CA THR A 70 -15.36 -1.47 -20.55
C THR A 70 -16.05 -1.00 -19.28
N GLN A 71 -16.70 0.15 -19.33
CA GLN A 71 -17.36 0.71 -18.14
C GLN A 71 -18.51 -0.21 -17.76
N GLU A 72 -19.25 -0.70 -18.74
CA GLU A 72 -20.42 -1.51 -18.45
C GLU A 72 -20.04 -2.93 -18.07
N LEU A 73 -18.93 -3.43 -18.61
CA LEU A 73 -18.43 -4.76 -18.25
C LEU A 73 -17.92 -4.77 -16.81
N ARG A 74 -17.28 -3.69 -16.37
CA ARG A 74 -16.78 -3.63 -15.00
C ARG A 74 -17.91 -3.44 -14.01
N LEU A 75 -18.97 -2.74 -14.40
CA LEU A 75 -20.14 -2.61 -13.53
C LEU A 75 -20.91 -3.91 -13.44
N ALA A 76 -20.91 -4.69 -14.53
CA ALA A 76 -21.57 -5.98 -14.51
C ALA A 76 -20.80 -6.99 -13.66
N HIS A 77 -19.47 -6.91 -13.66
CA HIS A 77 -18.68 -7.82 -12.83
C HIS A 77 -18.74 -7.45 -11.36
N ASP A 78 -19.04 -6.19 -11.05
CA ASP A 78 -19.25 -5.81 -9.66
C ASP A 78 -20.52 -6.44 -9.11
N ARG A 79 -21.46 -6.77 -10.00
CA ARG A 79 -22.76 -7.26 -9.60
C ARG A 79 -22.92 -8.75 -9.82
N TRP A 80 -22.24 -9.31 -10.82
CA TRP A 80 -22.21 -10.76 -10.99
C TRP A 80 -21.53 -11.45 -9.83
N GLY A 81 -20.52 -10.81 -9.24
CA GLY A 81 -19.87 -11.28 -8.03
C GLY A 81 -19.10 -12.57 -8.19
N LEU A 82 -18.31 -12.64 -9.26
CA LEU A 82 -17.59 -13.86 -9.57
C LEU A 82 -16.27 -13.97 -8.83
N GLY A 83 -15.87 -12.93 -8.12
CA GLY A 83 -14.59 -12.94 -7.43
C GLY A 83 -13.42 -12.67 -8.34
N LEU A 84 -13.61 -11.78 -9.33
CA LEU A 84 -12.58 -11.47 -10.31
C LEU A 84 -12.16 -10.00 -10.21
N LEU A 85 -12.27 -9.42 -9.01
CA LEU A 85 -11.94 -8.03 -8.78
C LEU A 85 -10.42 -7.79 -8.79
N HIS A 86 -9.63 -8.84 -8.61
CA HIS A 86 -8.19 -8.77 -8.73
C HIS A 86 -7.73 -8.78 -10.18
N LEU A 87 -8.62 -9.02 -11.12
CA LEU A 87 -8.33 -8.99 -12.55
C LEU A 87 -8.86 -7.70 -13.15
N GLN A 88 -8.26 -7.30 -14.26
CA GLN A 88 -8.67 -6.09 -14.96
C GLN A 88 -9.47 -6.47 -16.20
N HIS A 89 -10.70 -5.97 -16.28
CA HIS A 89 -11.63 -6.33 -17.33
C HIS A 89 -11.74 -5.21 -18.34
N SER A 90 -11.82 -5.58 -19.61
CA SER A 90 -11.96 -4.61 -20.73
C SER A 90 -12.63 -5.24 -21.93
N ALA A 91 -13.17 -4.40 -22.80
CA ALA A 91 -13.79 -4.90 -24.02
C ALA A 91 -13.24 -4.12 -25.21
N ARG A 92 -13.19 -4.78 -26.34
CA ARG A 92 -12.78 -4.16 -27.59
C ARG A 92 -13.69 -4.62 -28.71
N LEU A 93 -13.87 -3.77 -29.70
CA LEU A 93 -14.72 -4.09 -30.85
C LEU A 93 -13.96 -4.93 -31.86
N ILE A 94 -14.71 -5.81 -32.49
CA ILE A 94 -14.21 -6.64 -33.59
C ILE A 94 -15.03 -6.25 -34.80
N HIS A 95 -14.37 -5.67 -35.78
CA HIS A 95 -15.00 -5.20 -37.02
C HIS A 95 -14.75 -6.18 -38.16
N THR A 96 -15.58 -6.10 -39.19
CA THR A 96 -15.42 -6.85 -40.45
C THR A 96 -15.80 -5.88 -41.57
N ASP A 97 -14.79 -5.23 -42.15
CA ASP A 97 -14.96 -4.19 -43.18
C ASP A 97 -15.82 -3.04 -42.65
N GLY A 98 -15.26 -2.34 -41.65
CA GLY A 98 -16.10 -1.52 -40.81
C GLY A 98 -16.97 -2.45 -39.99
N VAL A 99 -18.21 -2.02 -39.73
CA VAL A 99 -19.37 -2.86 -39.40
C VAL A 99 -19.11 -3.82 -38.24
N PRO A 100 -19.24 -3.36 -36.99
CA PRO A 100 -18.97 -4.23 -35.82
C PRO A 100 -19.76 -5.54 -35.86
N SER A 101 -19.02 -6.63 -35.68
CA SER A 101 -19.58 -7.97 -35.81
C SER A 101 -19.44 -8.81 -34.56
N ASP A 102 -18.45 -8.49 -33.73
CA ASP A 102 -18.26 -9.24 -32.48
C ASP A 102 -17.61 -8.32 -31.45
N ILE A 103 -17.62 -8.73 -30.21
CA ILE A 103 -16.95 -8.00 -29.11
C ILE A 103 -16.02 -8.95 -28.37
N ALA A 104 -14.76 -8.60 -28.28
CA ALA A 104 -13.79 -9.39 -27.53
C ALA A 104 -13.81 -8.96 -26.07
N LEU A 105 -13.84 -9.93 -25.17
CA LEU A 105 -13.83 -9.68 -23.73
C LEU A 105 -12.43 -9.97 -23.21
N LEU A 106 -11.81 -8.97 -22.61
CA LEU A 106 -10.41 -9.04 -22.24
C LEU A 106 -10.24 -9.13 -20.73
N VAL A 107 -9.23 -9.90 -20.32
CA VAL A 107 -8.81 -10.00 -18.93
C VAL A 107 -7.32 -9.75 -18.88
N ASP A 108 -6.92 -8.69 -18.17
CA ASP A 108 -5.53 -8.25 -18.02
C ASP A 108 -4.85 -8.00 -19.37
N GLY A 109 -5.62 -7.46 -20.31
CA GLY A 109 -5.10 -7.10 -21.62
C GLY A 109 -5.15 -8.19 -22.67
N ALA A 110 -5.56 -9.40 -22.32
CA ALA A 110 -5.59 -10.49 -23.27
C ALA A 110 -7.02 -10.93 -23.53
N PRO A 111 -7.41 -11.19 -24.77
CA PRO A 111 -8.74 -11.73 -25.05
C PRO A 111 -8.90 -13.13 -24.48
N ARG A 112 -10.02 -13.36 -23.79
CA ARG A 112 -10.34 -14.64 -23.20
C ARG A 112 -11.65 -15.21 -23.68
N ALA A 113 -12.58 -14.38 -24.16
CA ALA A 113 -13.85 -14.83 -24.69
C ALA A 113 -14.36 -13.76 -25.64
N GLN A 114 -15.34 -14.14 -26.45
CA GLN A 114 -16.00 -13.24 -27.37
C GLN A 114 -17.51 -13.39 -27.18
N LEU A 115 -18.26 -12.36 -27.60
CA LEU A 115 -19.71 -12.36 -27.43
C LEU A 115 -20.39 -13.40 -28.31
N SER A 116 -19.77 -13.75 -29.45
CA SER A 116 -20.39 -14.73 -30.39
C SER A 116 -20.35 -16.15 -29.82
N ASP A 117 -19.49 -16.37 -28.83
CA ASP A 117 -19.25 -17.65 -28.13
C ASP A 117 -20.51 -18.14 -27.45
N GLY A 118 -21.36 -17.23 -27.05
CA GLY A 118 -22.56 -17.59 -26.32
C GLY A 118 -22.39 -17.40 -24.82
N ALA A 119 -23.51 -17.41 -24.12
CA ALA A 119 -23.51 -17.04 -22.70
C ALA A 119 -22.91 -18.14 -21.84
N ARG A 120 -23.15 -19.40 -22.18
CA ARG A 120 -22.56 -20.51 -21.44
C ARG A 120 -21.04 -20.52 -21.57
N ALA A 121 -20.53 -20.22 -22.76
CA ALA A 121 -19.09 -20.25 -23.01
C ALA A 121 -18.39 -19.09 -22.30
N ILE A 122 -19.03 -17.92 -22.24
CA ILE A 122 -18.45 -16.78 -21.57
C ILE A 122 -18.45 -17.00 -20.06
N ALA A 123 -19.54 -17.55 -19.52
CA ALA A 123 -19.61 -17.81 -18.09
C ALA A 123 -18.67 -18.93 -17.67
N GLY A 124 -18.39 -19.86 -18.58
CA GLY A 124 -17.43 -20.91 -18.28
C GLY A 124 -15.99 -20.41 -18.34
N THR A 125 -15.74 -19.41 -19.17
CA THR A 125 -14.42 -18.77 -19.21
C THR A 125 -14.15 -18.02 -17.92
N TYR A 126 -15.16 -17.33 -17.40
CA TYR A 126 -15.04 -16.62 -16.13
C TYR A 126 -15.01 -17.58 -14.94
N ALA A 127 -15.62 -18.76 -15.09
CA ALA A 127 -15.67 -19.70 -13.98
C ALA A 127 -14.32 -20.38 -13.77
N SER A 128 -13.55 -20.54 -14.84
CA SER A 128 -12.22 -21.14 -14.73
C SER A 128 -11.21 -20.19 -14.08
N MET A 129 -11.56 -18.93 -13.89
CA MET A 129 -10.73 -17.97 -13.20
C MET A 129 -11.04 -17.88 -11.71
N GLN A 130 -12.14 -18.48 -11.28
CA GLN A 130 -12.59 -18.34 -9.88
C GLN A 130 -11.93 -19.31 -8.91
N ALA A 131 -11.96 -18.98 -7.63
CA ALA A 131 -11.51 -19.83 -6.53
C ALA A 131 -12.52 -19.76 -5.39
N PRO A 132 -13.55 -20.61 -5.40
CA PRO A 132 -14.49 -20.64 -4.28
C PRO A 132 -13.89 -21.32 -3.07
N GLY A 133 -14.39 -20.95 -1.90
CA GLY A 133 -14.05 -21.64 -0.68
C GLY A 133 -15.01 -22.77 -0.40
N PRO A 134 -14.95 -23.34 0.81
CA PRO A 134 -15.89 -24.40 1.17
C PRO A 134 -17.31 -23.91 1.34
N GLU A 135 -17.49 -22.65 1.71
CA GLU A 135 -18.80 -22.04 1.82
C GLU A 135 -19.19 -21.25 0.58
N GLY A 136 -18.50 -21.43 -0.54
CA GLY A 136 -18.92 -20.91 -1.82
C GLY A 136 -18.42 -19.53 -2.17
N ARG A 137 -17.96 -18.75 -1.19
CA ARG A 137 -17.49 -17.40 -1.48
C ARG A 137 -16.10 -17.44 -2.08
N SER A 138 -15.72 -16.32 -2.70
CA SER A 138 -14.45 -16.24 -3.40
C SER A 138 -13.28 -16.14 -2.42
N GLU A 139 -12.26 -16.97 -2.64
CA GLU A 139 -11.08 -16.95 -1.78
C GLU A 139 -10.01 -15.97 -2.24
N TRP A 140 -10.13 -15.41 -3.44
CA TRP A 140 -9.12 -14.46 -3.89
C TRP A 140 -9.21 -13.17 -3.10
N GLY A 141 -8.05 -12.56 -2.87
CA GLY A 141 -8.02 -11.19 -2.44
C GLY A 141 -8.18 -10.24 -3.62
N ILE A 142 -8.80 -9.09 -3.34
CA ILE A 142 -8.98 -8.07 -4.37
C ILE A 142 -7.67 -7.37 -4.66
N LEU A 143 -6.96 -6.99 -3.62
CA LEU A 143 -5.62 -6.42 -3.73
C LEU A 143 -4.63 -7.52 -4.09
N PRO A 144 -3.38 -7.16 -4.41
CA PRO A 144 -2.34 -8.20 -4.49
C PRO A 144 -2.11 -8.88 -3.15
N GLU A 145 -1.41 -10.02 -3.22
CA GLU A 145 -1.31 -10.96 -2.11
C GLU A 145 -0.62 -10.34 -0.92
N GLY A 146 -1.37 -10.18 0.16
CA GLY A 146 -0.88 -9.53 1.34
C GLY A 146 -1.79 -9.81 2.50
N HIS A 147 -1.65 -8.99 3.54
CA HIS A 147 -2.41 -9.20 4.76
C HIS A 147 -3.86 -8.75 4.56
N ARG A 148 -4.79 -9.66 4.79
CA ARG A 148 -6.20 -9.32 4.84
C ARG A 148 -6.68 -9.34 6.29
N VAL A 149 -7.58 -8.43 6.62
CA VAL A 149 -7.97 -8.19 8.01
C VAL A 149 -9.06 -9.18 8.39
N THR A 150 -8.87 -9.85 9.52
CA THR A 150 -9.93 -10.63 10.14
C THR A 150 -10.65 -9.71 11.11
N LEU A 151 -11.85 -9.27 10.72
CA LEU A 151 -12.58 -8.30 11.53
C LEU A 151 -13.22 -8.97 12.73
N ARG A 152 -12.88 -8.48 13.91
CA ARG A 152 -13.53 -8.86 15.16
C ARG A 152 -14.67 -7.88 15.44
N PRO A 153 -15.73 -8.27 16.30
CA PRO A 153 -16.99 -7.54 16.32
C PRO A 153 -16.94 -6.11 16.87
N GLY A 154 -16.27 -5.22 16.13
CA GLY A 154 -16.25 -3.81 16.47
C GLY A 154 -16.18 -2.96 15.21
N LEU A 155 -15.98 -1.66 15.43
CA LEU A 155 -15.74 -0.71 14.35
C LEU A 155 -14.40 -0.01 14.56
N GLY A 156 -13.60 -0.45 15.53
CA GLY A 156 -12.36 0.22 15.85
C GLY A 156 -11.24 -0.13 14.91
N GLN A 157 -11.26 -1.36 14.39
CA GLN A 157 -10.32 -1.73 13.32
C GLN A 157 -10.57 -0.93 12.06
N LEU A 158 -11.83 -0.82 11.64
CA LEU A 158 -12.15 -0.13 10.39
C LEU A 158 -11.95 1.37 10.51
N ARG A 159 -12.06 1.93 11.72
CA ARG A 159 -11.91 3.36 11.89
C ARG A 159 -10.47 3.80 11.65
N VAL A 160 -9.51 2.99 12.09
CA VAL A 160 -8.11 3.33 11.88
C VAL A 160 -7.69 3.03 10.43
N LEU A 161 -8.25 1.98 9.85
CA LEU A 161 -7.90 1.61 8.49
C LEU A 161 -8.43 2.61 7.47
N ILE A 162 -9.62 3.16 7.74
CA ILE A 162 -10.20 4.14 6.83
C ILE A 162 -9.54 5.51 7.00
N GLU A 163 -9.39 5.96 8.25
CA GLU A 163 -8.86 7.30 8.50
C GLU A 163 -7.36 7.37 8.25
N ASP A 164 -6.59 6.41 8.76
CA ASP A 164 -5.17 6.56 8.92
C ASP A 164 -4.34 5.71 7.97
N ALA A 165 -4.90 4.65 7.42
CA ALA A 165 -4.08 3.72 6.66
C ALA A 165 -4.09 4.05 5.18
N ARG A 166 -3.16 3.40 4.47
CA ARG A 166 -3.08 3.32 3.02
C ARG A 166 -3.90 2.11 2.59
N ASP A 167 -3.53 1.48 1.47
CA ASP A 167 -4.20 0.28 0.98
C ASP A 167 -4.36 -0.79 2.06
N PHE A 168 -5.59 -1.25 2.22
CA PHE A 168 -5.92 -2.33 3.16
C PHE A 168 -7.03 -3.15 2.53
N GLU A 169 -7.27 -4.33 3.07
CA GLU A 169 -8.39 -5.12 2.52
C GLU A 169 -8.90 -6.01 3.64
N THR A 170 -10.19 -6.05 3.85
CA THR A 170 -10.75 -6.96 4.87
C THR A 170 -11.18 -8.27 4.23
N HIS A 171 -11.24 -9.29 5.07
CA HIS A 171 -11.78 -10.62 4.76
C HIS A 171 -13.30 -10.53 4.85
N TRP A 172 -13.99 -11.54 4.41
CA TRP A 172 -15.44 -11.56 4.50
C TRP A 172 -15.88 -11.55 5.96
N THR A 173 -16.89 -10.75 6.26
CA THR A 173 -17.51 -10.73 7.58
C THR A 173 -19.02 -10.73 7.38
N PRO A 174 -19.79 -11.34 8.28
CA PRO A 174 -21.23 -11.44 8.08
C PRO A 174 -21.92 -10.08 8.19
N GLY A 175 -22.84 -9.84 7.27
CA GLY A 175 -23.67 -8.65 7.26
C GLY A 175 -25.15 -8.89 7.51
N ALA A 176 -25.54 -10.13 7.80
CA ALA A 176 -26.88 -10.72 8.05
C ALA A 176 -27.61 -11.01 6.75
N ALA A 177 -28.80 -11.59 6.81
CA ALA A 177 -29.70 -11.79 5.64
C ALA A 177 -29.01 -12.50 4.48
N GLN A 178 -28.19 -13.51 4.79
CA GLN A 178 -27.33 -14.29 3.88
C GLN A 178 -26.31 -13.35 3.24
N THR A 179 -26.01 -12.24 3.88
CA THR A 179 -25.15 -11.21 3.29
C THR A 179 -23.78 -11.22 3.95
N TRP A 180 -22.75 -11.19 3.11
CA TRP A 180 -21.36 -11.09 3.54
C TRP A 180 -20.73 -9.85 2.93
N THR A 181 -19.84 -9.21 3.69
CA THR A 181 -19.33 -7.92 3.27
C THR A 181 -17.83 -7.80 3.54
N ARG A 182 -17.18 -6.94 2.78
CA ARG A 182 -15.76 -6.64 2.92
C ARG A 182 -15.47 -5.24 2.40
N THR A 183 -14.38 -4.66 2.91
CA THR A 183 -14.01 -3.28 2.65
C THR A 183 -12.53 -3.23 2.28
N TRP A 184 -12.20 -2.47 1.24
CA TRP A 184 -10.80 -2.35 0.85
C TRP A 184 -10.54 -0.96 0.28
N ARG A 185 -9.28 -0.53 0.42
CA ARG A 185 -8.77 0.69 -0.20
C ARG A 185 -7.68 0.32 -1.19
N GLN A 186 -7.74 0.90 -2.39
CA GLN A 186 -6.66 0.80 -3.37
C GLN A 186 -6.34 2.20 -3.85
N GLY A 187 -5.23 2.75 -3.37
CA GLY A 187 -4.85 4.10 -3.72
C GLY A 187 -5.70 5.14 -3.01
N GLU A 188 -6.46 5.91 -3.78
CA GLU A 188 -7.36 6.91 -3.24
C GLU A 188 -8.79 6.41 -3.13
N THR A 189 -9.06 5.20 -3.58
CA THR A 189 -10.41 4.67 -3.72
C THR A 189 -10.74 3.76 -2.55
N LEU A 190 -11.69 4.18 -1.71
CA LEU A 190 -12.28 3.30 -0.72
C LEU A 190 -13.45 2.56 -1.36
N ALA A 191 -13.57 1.27 -1.06
CA ALA A 191 -14.60 0.45 -1.69
C ALA A 191 -15.14 -0.56 -0.70
N VAL A 192 -16.40 -0.94 -0.89
CA VAL A 192 -17.07 -1.92 -0.05
C VAL A 192 -17.95 -2.79 -0.94
N GLU A 193 -17.89 -4.11 -0.71
CA GLU A 193 -18.69 -5.08 -1.44
C GLU A 193 -19.68 -5.70 -0.47
N VAL A 194 -20.92 -5.85 -0.93
CA VAL A 194 -21.97 -6.55 -0.19
C VAL A 194 -22.44 -7.70 -1.06
N HIS A 195 -22.37 -8.92 -0.53
CA HIS A 195 -22.53 -10.14 -1.31
C HIS A 195 -23.57 -11.05 -0.70
N ARG A 196 -24.57 -11.43 -1.49
CA ARG A 196 -25.49 -12.51 -1.15
C ARG A 196 -25.40 -13.54 -2.28
N PRO A 197 -25.09 -14.79 -1.98
CA PRO A 197 -24.79 -15.76 -3.04
C PRO A 197 -26.02 -16.11 -3.88
N ALA A 198 -25.81 -16.12 -5.20
CA ALA A 198 -26.87 -16.42 -6.15
C ALA A 198 -26.26 -17.03 -7.39
N THR A 199 -26.78 -18.17 -7.80
CA THR A 199 -26.49 -18.80 -9.08
C THR A 199 -27.66 -18.52 -10.01
N PRO A 200 -27.48 -18.69 -11.33
CA PRO A 200 -28.64 -18.60 -12.23
C PRO A 200 -29.71 -19.65 -11.97
N ALA A 201 -29.32 -20.83 -11.49
CA ALA A 201 -30.31 -21.82 -11.08
C ALA A 201 -31.05 -21.37 -9.82
N THR A 202 -30.34 -20.71 -8.90
CA THR A 202 -30.98 -20.16 -7.71
C THR A 202 -31.94 -19.03 -8.08
N ALA A 203 -31.53 -18.17 -9.01
CA ALA A 203 -32.35 -17.03 -9.39
C ALA A 203 -33.56 -17.44 -10.20
N LEU A 204 -33.43 -18.47 -11.03
CA LEU A 204 -34.58 -18.96 -11.78
C LEU A 204 -35.54 -19.75 -10.88
N ALA A 205 -35.02 -20.35 -9.81
CA ALA A 205 -35.88 -21.10 -8.89
C ALA A 205 -36.74 -20.17 -8.06
N LYS A 206 -36.22 -19.00 -7.71
CA LYS A 206 -37.02 -18.01 -7.00
C LYS A 206 -38.07 -17.39 -7.92
N ALA A 207 -37.74 -17.23 -9.20
CA ALA A 207 -38.71 -16.74 -10.16
C ALA A 207 -39.76 -17.79 -10.48
N ALA A 208 -39.37 -19.07 -10.46
CA ALA A 208 -40.34 -20.13 -10.69
C ALA A 208 -41.32 -20.24 -9.53
N TRP A 209 -40.85 -20.02 -8.30
CA TRP A 209 -41.74 -20.00 -7.14
C TRP A 209 -42.73 -18.85 -7.21
N LYS A 210 -42.31 -17.71 -7.78
CA LYS A 210 -43.20 -16.55 -7.87
C LYS A 210 -44.32 -16.78 -8.88
N VAL A 211 -44.01 -17.47 -9.97
CA VAL A 211 -45.04 -17.73 -10.99
C VAL A 211 -46.03 -18.78 -10.49
N ILE A 212 -45.52 -19.82 -9.82
CA ILE A 212 -46.36 -20.93 -9.36
C ILE A 212 -47.28 -20.49 -8.23
N THR A 213 -46.78 -19.66 -7.32
CA THR A 213 -47.60 -19.19 -6.20
C THR A 213 -48.67 -18.22 -6.67
N SER A 214 -48.43 -17.53 -7.78
CA SER A 214 -49.39 -16.60 -8.35
C SER A 214 -50.36 -17.27 -9.32
N ILE A 215 -50.39 -18.60 -9.38
CA ILE A 215 -51.33 -19.29 -10.25
C ILE A 215 -52.72 -19.30 -9.60
N LYS A 216 -53.68 -18.76 -10.35
CA LYS A 216 -55.08 -18.53 -9.88
C LYS A 216 -55.85 -19.82 -9.53
N ASP A 217 -55.75 -20.86 -10.36
CA ASP A 217 -56.53 -22.06 -10.09
C ASP A 217 -55.72 -23.02 -9.22
N ARG A 218 -56.35 -23.51 -8.16
CA ARG A 218 -55.63 -24.21 -7.10
C ARG A 218 -55.18 -25.59 -7.56
N THR A 219 -56.01 -26.26 -8.39
CA THR A 219 -55.71 -27.62 -8.83
C THR A 219 -54.49 -27.65 -9.73
N PHE A 220 -54.28 -26.59 -10.51
CA PHE A 220 -53.14 -26.56 -11.41
C PHE A 220 -51.85 -26.25 -10.68
N GLN A 221 -51.91 -25.48 -9.59
CA GLN A 221 -50.67 -25.20 -8.87
C GLN A 221 -50.30 -26.35 -7.95
N ARG A 222 -51.26 -27.19 -7.58
CA ARG A 222 -50.94 -28.37 -6.77
C ARG A 222 -50.09 -29.36 -7.55
N GLU A 223 -50.37 -29.53 -8.84
CA GLU A 223 -49.62 -30.50 -9.63
C GLU A 223 -48.24 -29.95 -9.99
N LEU A 224 -48.08 -28.63 -10.03
CA LEU A 224 -46.76 -28.07 -10.28
C LEU A 224 -45.89 -28.09 -9.02
N MET A 225 -46.51 -27.91 -7.85
CA MET A 225 -45.78 -28.11 -6.60
C MET A 225 -45.41 -29.58 -6.41
N GLU A 226 -46.25 -30.46 -6.94
CA GLU A 226 -46.01 -31.92 -6.87
C GLU A 226 -44.90 -32.28 -7.88
N ARG A 227 -44.86 -31.57 -9.01
CA ARG A 227 -43.85 -31.80 -10.03
C ARG A 227 -42.51 -31.16 -9.65
N SER A 228 -42.55 -30.15 -8.78
CA SER A 228 -41.31 -29.51 -8.33
C SER A 228 -40.50 -30.43 -7.45
N ASN A 229 -41.16 -31.39 -6.80
CA ASN A 229 -40.46 -32.36 -5.97
C ASN A 229 -39.71 -33.37 -6.81
N GLN A 230 -40.07 -33.49 -8.09
CA GLN A 230 -39.47 -34.52 -8.93
C GLN A 230 -38.39 -33.95 -9.84
N VAL A 231 -38.67 -32.83 -10.52
CA VAL A 231 -37.76 -32.26 -11.49
C VAL A 231 -37.33 -30.84 -11.15
N GLY A 232 -37.65 -30.34 -9.97
CA GLY A 232 -37.31 -28.98 -9.62
C GLY A 232 -38.38 -28.00 -10.06
N MET A 233 -38.32 -26.80 -9.50
CA MET A 233 -39.31 -25.73 -9.79
C MET A 233 -39.23 -25.19 -11.21
N LEU A 234 -38.02 -25.02 -11.72
CA LEU A 234 -37.89 -24.51 -13.08
C LEU A 234 -38.38 -25.52 -14.10
N GLY A 235 -37.99 -26.79 -13.93
CA GLY A 235 -38.39 -27.81 -14.87
C GLY A 235 -39.87 -28.15 -14.80
N ALA A 236 -40.49 -27.91 -13.64
CA ALA A 236 -41.93 -28.06 -13.55
C ALA A 236 -42.64 -26.91 -14.25
N LEU A 237 -42.10 -25.70 -14.14
CA LEU A 237 -42.70 -24.56 -14.81
C LEU A 237 -42.44 -24.58 -16.30
N LEU A 238 -41.29 -25.13 -16.72
CA LEU A 238 -41.04 -25.35 -18.13
C LEU A 238 -41.88 -26.47 -18.72
N GLY A 239 -42.49 -27.31 -17.87
CA GLY A 239 -43.39 -28.32 -18.37
C GLY A 239 -44.73 -27.76 -18.80
N ALA A 240 -45.09 -26.58 -18.29
CA ALA A 240 -46.33 -25.91 -18.67
C ALA A 240 -46.14 -24.99 -19.86
N ARG A 241 -44.94 -24.91 -20.42
CA ARG A 241 -44.68 -24.13 -21.62
C ARG A 241 -44.49 -25.06 -22.80
N HIS A 242 -44.32 -24.45 -23.97
CA HIS A 242 -44.13 -25.21 -25.20
C HIS A 242 -42.77 -25.91 -25.20
N SER A 243 -42.66 -26.95 -26.02
CA SER A 243 -41.42 -27.71 -26.07
C SER A 243 -40.33 -26.90 -26.75
N GLY A 244 -39.16 -26.86 -26.12
CA GLY A 244 -38.07 -26.03 -26.58
C GLY A 244 -37.95 -24.70 -25.86
N ALA A 245 -38.85 -24.42 -24.91
CA ALA A 245 -38.74 -23.19 -24.14
C ALA A 245 -37.54 -23.23 -23.21
N GLY A 246 -37.21 -24.40 -22.69
CA GLY A 246 -36.01 -24.54 -21.88
C GLY A 246 -34.74 -24.47 -22.71
N ASP A 247 -34.82 -24.89 -23.97
CA ASP A 247 -33.71 -24.69 -24.90
C ASP A 247 -33.55 -23.21 -25.24
N ALA A 248 -34.66 -22.50 -25.37
CA ALA A 248 -34.59 -21.07 -25.65
C ALA A 248 -34.10 -20.30 -24.44
N LEU A 249 -34.40 -20.78 -23.25
CA LEU A 249 -33.90 -20.16 -22.01
C LEU A 249 -32.39 -20.36 -21.89
N ASN A 250 -31.88 -21.50 -22.34
CA ASN A 250 -30.45 -21.84 -22.28
C ASN A 250 -29.57 -20.92 -23.14
N GLN A 251 -30.08 -20.39 -24.23
CA GLN A 251 -29.33 -19.44 -25.08
C GLN A 251 -29.38 -18.05 -24.47
N LEU A 252 -30.15 -17.84 -23.43
CA LEU A 252 -30.22 -16.52 -22.84
C LEU A 252 -29.12 -16.35 -21.80
N PRO A 253 -28.60 -15.12 -21.65
CA PRO A 253 -27.61 -14.87 -20.59
C PRO A 253 -28.20 -14.93 -19.20
N GLU A 254 -29.53 -14.88 -19.08
CA GLU A 254 -30.20 -15.04 -17.81
C GLU A 254 -30.05 -16.45 -17.24
N ALA A 255 -29.75 -17.43 -18.08
CA ALA A 255 -29.51 -18.78 -17.60
C ALA A 255 -28.07 -19.01 -17.17
N HIS A 256 -27.19 -18.01 -17.32
CA HIS A 256 -25.77 -18.20 -17.09
C HIS A 256 -25.13 -17.09 -16.28
N PHE A 257 -25.89 -16.06 -15.90
CA PHE A 257 -25.38 -14.93 -15.14
C PHE A 257 -26.44 -14.48 -14.16
N ALA A 258 -26.03 -14.25 -12.92
CA ALA A 258 -26.94 -13.77 -11.89
C ALA A 258 -26.25 -12.69 -11.08
N VAL A 259 -27.06 -11.85 -10.44
CA VAL A 259 -26.56 -10.81 -9.55
C VAL A 259 -26.34 -11.40 -8.16
N SER A 260 -25.13 -11.27 -7.65
CA SER A 260 -24.81 -11.70 -6.30
C SER A 260 -24.11 -10.64 -5.46
N SER A 261 -23.61 -9.56 -6.04
CA SER A 261 -22.90 -8.56 -5.28
C SER A 261 -23.34 -7.17 -5.71
N ALA A 262 -22.84 -6.18 -4.97
CA ALA A 262 -22.98 -4.77 -5.29
C ALA A 262 -21.82 -4.03 -4.63
N VAL A 263 -21.15 -3.19 -5.41
CA VAL A 263 -19.94 -2.51 -4.97
C VAL A 263 -20.17 -1.00 -5.02
N VAL A 264 -19.84 -0.32 -3.93
CA VAL A 264 -19.85 1.14 -3.87
C VAL A 264 -18.42 1.62 -3.64
N ARG A 265 -17.99 2.58 -4.45
CA ARG A 265 -16.64 3.12 -4.38
C ARG A 265 -16.67 4.61 -4.08
N GLU A 266 -15.59 5.09 -3.48
CA GLU A 266 -15.45 6.49 -3.11
C GLU A 266 -14.00 6.92 -3.24
N THR A 267 -13.76 7.99 -3.97
CA THR A 267 -12.43 8.51 -4.22
C THR A 267 -12.28 9.88 -3.57
N GLY A 268 -11.07 10.16 -3.09
CA GLY A 268 -10.77 11.49 -2.60
C GLY A 268 -10.86 11.67 -1.10
N ARG A 269 -11.48 12.78 -0.70
CA ARG A 269 -11.45 13.18 0.71
C ARG A 269 -12.50 12.43 1.53
N GLU A 270 -13.57 11.99 0.87
CA GLU A 270 -14.61 11.26 1.58
C GLU A 270 -14.22 9.81 1.86
N GLY A 271 -13.13 9.36 1.24
CA GLY A 271 -12.58 7.99 1.38
C GLY A 271 -12.03 7.71 2.75
N ARG A 272 -11.67 8.75 3.50
CA ARG A 272 -11.11 8.56 4.85
C ARG A 272 -12.12 8.83 5.97
N GLU A 273 -13.40 8.97 5.63
CA GLU A 273 -14.41 9.22 6.64
C GLU A 273 -15.23 7.96 6.88
N VAL A 274 -15.52 7.65 8.15
CA VAL A 274 -16.21 6.41 8.47
C VAL A 274 -17.71 6.57 8.27
N ASP A 275 -18.22 7.80 8.32
CA ASP A 275 -19.64 8.00 8.12
C ASP A 275 -20.00 7.92 6.64
N ARG A 276 -19.02 8.17 5.78
CA ARG A 276 -19.21 7.92 4.34
C ARG A 276 -19.26 6.42 4.07
N TRP A 277 -18.32 5.66 4.65
CA TRP A 277 -18.26 4.21 4.49
C TRP A 277 -19.53 3.54 4.99
N LYS A 278 -20.09 4.04 6.08
CA LYS A 278 -21.35 3.51 6.59
C LYS A 278 -22.48 3.76 5.61
N ALA A 279 -22.44 4.91 4.93
CA ALA A 279 -23.43 5.19 3.89
C ALA A 279 -23.12 4.41 2.62
N MET A 280 -21.87 3.97 2.46
CA MET A 280 -21.50 3.20 1.28
C MET A 280 -22.01 1.77 1.37
N GLN A 281 -21.81 1.13 2.52
CA GLN A 281 -22.29 -0.23 2.73
C GLN A 281 -23.81 -0.29 2.73
N ARG A 282 -24.45 0.74 3.30
CA ARG A 282 -25.91 0.81 3.32
C ARG A 282 -26.47 1.04 1.91
N GLU A 283 -25.71 1.74 1.07
CA GLU A 283 -26.07 1.87 -0.34
C GLU A 283 -25.95 0.54 -1.06
N ALA A 284 -24.85 -0.20 -0.80
CA ALA A 284 -24.61 -1.44 -1.52
C ALA A 284 -25.59 -2.53 -1.11
N THR A 285 -26.03 -2.51 0.15
CA THR A 285 -27.02 -3.48 0.60
C THR A 285 -28.38 -3.21 -0.02
N GLU A 286 -28.78 -1.94 -0.09
CA GLU A 286 -30.02 -1.57 -0.77
C GLU A 286 -29.92 -1.80 -2.27
N THR A 287 -28.74 -1.62 -2.85
CA THR A 287 -28.56 -1.88 -4.27
C THR A 287 -28.61 -3.38 -4.56
N LEU A 288 -28.02 -4.19 -3.68
CA LEU A 288 -28.04 -5.63 -3.87
C LEU A 288 -29.45 -6.21 -3.69
N ASP A 289 -30.19 -5.70 -2.72
CA ASP A 289 -31.53 -6.21 -2.46
C ASP A 289 -32.48 -5.84 -3.60
N GLU A 290 -32.31 -4.66 -4.17
CA GLU A 290 -33.19 -4.24 -5.26
C GLU A 290 -32.85 -4.94 -6.56
N LEU A 291 -31.56 -5.14 -6.84
CA LEU A 291 -31.15 -5.82 -8.07
C LEU A 291 -31.57 -7.27 -8.08
N GLN A 292 -31.57 -7.92 -6.90
CA GLN A 292 -32.02 -9.30 -6.83
C GLN A 292 -33.54 -9.40 -6.89
N LYS A 293 -34.25 -8.41 -6.35
CA LYS A 293 -35.71 -8.43 -6.46
C LYS A 293 -36.17 -8.05 -7.85
N ALA A 294 -35.43 -7.15 -8.52
CA ALA A 294 -35.74 -6.85 -9.91
C ALA A 294 -35.37 -8.00 -10.82
N ALA A 295 -34.39 -8.81 -10.42
CA ALA A 295 -34.06 -10.02 -11.15
C ALA A 295 -35.19 -11.03 -11.07
N THR A 296 -35.83 -11.14 -9.90
CA THR A 296 -36.90 -12.10 -9.70
C THR A 296 -38.10 -11.78 -10.57
N ARG A 297 -38.38 -10.49 -10.79
CA ARG A 297 -39.50 -10.12 -11.63
C ARG A 297 -39.20 -10.30 -13.12
N ARG A 298 -37.97 -9.98 -13.53
CA ARG A 298 -37.67 -10.03 -14.96
C ARG A 298 -37.48 -11.47 -15.42
N LEU A 299 -37.08 -12.35 -14.52
CA LEU A 299 -36.97 -13.77 -14.87
C LEU A 299 -38.34 -14.43 -14.85
N ALA A 300 -39.23 -14.00 -13.96
CA ALA A 300 -40.58 -14.55 -13.91
C ALA A 300 -41.39 -14.15 -15.12
N ALA A 301 -41.11 -12.97 -15.68
CA ALA A 301 -41.80 -12.55 -16.90
C ALA A 301 -41.33 -13.35 -18.10
N VAL A 302 -40.07 -13.80 -18.08
CA VAL A 302 -39.55 -14.64 -19.15
C VAL A 302 -40.13 -16.06 -19.05
N LEU A 303 -40.30 -16.55 -17.83
CA LEU A 303 -40.81 -17.90 -17.65
C LEU A 303 -42.31 -17.97 -17.90
N SER A 304 -43.02 -16.86 -17.74
CA SER A 304 -44.46 -16.86 -17.93
C SER A 304 -44.85 -16.40 -19.33
N GLY A 305 -44.33 -15.26 -19.77
CA GLY A 305 -44.76 -14.68 -21.03
C GLY A 305 -43.79 -14.82 -22.16
N GLY A 306 -42.51 -14.99 -21.84
CA GLY A 306 -41.46 -15.04 -22.85
C GLY A 306 -41.18 -16.43 -23.36
N LEU A 307 -39.92 -16.63 -23.78
CA LEU A 307 -39.41 -17.88 -24.34
C LEU A 307 -40.21 -18.34 -25.56
N ARG A 308 -40.56 -17.38 -26.41
CA ARG A 308 -41.47 -17.63 -27.52
C ARG A 308 -40.72 -18.07 -28.78
N PRO B 35 40.31 5.30 0.48
CA PRO B 35 39.66 4.10 -0.06
C PRO B 35 38.73 3.45 0.97
N LEU B 36 39.02 2.19 1.33
CA LEU B 36 38.21 1.45 2.32
C LEU B 36 38.44 2.03 3.71
N ALA B 37 39.57 2.69 3.93
CA ALA B 37 39.81 3.32 5.22
C ALA B 37 39.10 4.66 5.33
N ARG B 38 38.94 5.37 4.21
CA ARG B 38 38.16 6.60 4.22
C ARG B 38 36.68 6.31 4.37
N PHE B 39 36.24 5.14 3.89
CA PHE B 39 34.87 4.70 4.14
C PHE B 39 34.69 4.35 5.61
N ALA B 40 35.69 3.69 6.20
CA ALA B 40 35.63 3.30 7.60
C ALA B 40 35.60 4.52 8.51
N GLU B 41 36.24 5.60 8.11
CA GLU B 41 36.22 6.83 8.90
C GLU B 41 34.91 7.59 8.67
N LEU B 42 34.29 7.39 7.52
CA LEU B 42 33.02 8.05 7.23
C LEU B 42 31.89 7.46 8.07
N VAL B 43 31.82 6.13 8.16
CA VAL B 43 30.76 5.50 8.91
C VAL B 43 31.06 5.46 10.40
N ALA B 44 32.28 5.81 10.80
CA ALA B 44 32.60 5.89 12.22
C ALA B 44 31.96 7.11 12.87
N THR B 45 31.60 8.12 12.07
CA THR B 45 30.83 9.26 12.58
C THR B 45 29.41 8.86 12.95
N ALA B 46 28.92 7.76 12.41
CA ALA B 46 27.66 7.17 12.82
C ALA B 46 27.85 6.04 13.84
N GLY B 47 29.04 5.93 14.43
CA GLY B 47 29.27 4.93 15.44
C GLY B 47 29.44 3.53 14.92
N LEU B 48 29.79 3.37 13.65
CA LEU B 48 29.98 2.06 13.06
C LEU B 48 31.46 1.71 13.01
N GLN B 49 31.78 0.46 13.32
CA GLN B 49 33.09 -0.10 13.05
C GLN B 49 33.00 -0.90 11.75
N SER B 50 33.68 -0.43 10.72
CA SER B 50 33.56 -1.01 9.40
C SER B 50 34.30 -2.33 9.31
N ASP B 51 33.71 -3.30 8.63
CA ASP B 51 34.31 -4.60 8.41
C ASP B 51 34.77 -4.81 6.97
N VAL B 52 34.80 -3.77 6.13
CA VAL B 52 35.07 -3.98 4.72
C VAL B 52 36.56 -4.16 4.47
N GLN B 53 37.41 -3.65 5.37
CA GLN B 53 38.84 -3.85 5.21
C GLN B 53 39.23 -5.27 5.56
N ALA B 54 38.64 -5.82 6.62
CA ALA B 54 38.90 -7.21 7.00
C ALA B 54 38.28 -8.17 6.00
N LEU B 55 37.15 -7.73 5.42
CA LEU B 55 36.44 -8.49 4.36
C LEU B 55 37.32 -8.55 3.10
N ALA B 56 37.98 -7.43 2.76
CA ALA B 56 38.81 -7.36 1.56
C ALA B 56 40.18 -7.96 1.79
N ASP B 57 40.66 -8.01 3.03
CA ASP B 57 41.91 -8.71 3.31
C ASP B 57 41.75 -10.21 3.09
N SER B 58 40.61 -10.75 3.49
CA SER B 58 40.27 -12.12 3.11
C SER B 58 39.83 -12.15 1.65
N GLY B 59 39.74 -13.36 1.12
CA GLY B 59 39.28 -13.53 -0.25
C GLY B 59 37.80 -13.25 -0.40
N ALA B 60 37.46 -12.13 -1.02
CA ALA B 60 36.07 -11.71 -1.20
C ALA B 60 35.92 -10.97 -2.52
N ASP B 61 34.84 -11.24 -3.22
CA ASP B 61 34.70 -10.54 -4.51
C ASP B 61 33.99 -9.20 -4.34
N ASP B 62 34.00 -8.46 -5.44
CA ASP B 62 33.47 -7.09 -5.58
C ASP B 62 32.01 -7.01 -5.12
N THR B 63 31.18 -7.99 -5.42
CA THR B 63 29.77 -7.96 -4.99
C THR B 63 29.69 -8.19 -3.49
N THR B 64 30.62 -8.94 -2.89
CA THR B 64 30.58 -9.13 -1.44
C THR B 64 30.99 -7.86 -0.70
N LEU B 65 32.00 -7.17 -1.21
CA LEU B 65 32.40 -5.88 -0.65
C LEU B 65 31.29 -4.85 -0.83
N GLU B 66 30.71 -4.78 -2.03
CA GLU B 66 29.69 -3.77 -2.32
C GLU B 66 28.42 -4.01 -1.50
N ALA B 67 28.12 -5.26 -1.17
CA ALA B 67 26.98 -5.55 -0.32
C ALA B 67 27.25 -5.11 1.12
N GLN B 68 28.49 -5.28 1.57
CA GLN B 68 28.85 -4.84 2.92
C GLN B 68 29.01 -3.32 2.95
N LEU B 69 29.50 -2.74 1.85
CA LEU B 69 29.59 -1.28 1.76
C LEU B 69 28.21 -0.63 1.72
N THR B 70 27.25 -1.29 1.09
CA THR B 70 25.88 -0.77 1.04
C THR B 70 25.21 -0.88 2.40
N GLN B 71 25.43 -1.98 3.07
CA GLN B 71 24.81 -2.23 4.38
C GLN B 71 25.30 -1.22 5.42
N GLU B 72 26.60 -0.93 5.44
CA GLU B 72 27.12 0.03 6.39
C GLU B 72 26.71 1.45 6.02
N LEU B 73 26.56 1.72 4.73
CA LEU B 73 26.11 3.04 4.28
C LEU B 73 24.67 3.30 4.68
N ARG B 74 23.83 2.28 4.58
CA ARG B 74 22.42 2.45 4.96
C ARG B 74 22.25 2.54 6.47
N LEU B 75 23.11 1.84 7.22
CA LEU B 75 23.08 1.98 8.67
C LEU B 75 23.61 3.33 9.10
N ALA B 76 24.54 3.89 8.34
CA ALA B 76 25.06 5.22 8.65
C ALA B 76 24.02 6.29 8.38
N HIS B 77 23.27 6.17 7.28
CA HIS B 77 22.20 7.13 7.00
C HIS B 77 21.03 6.99 7.98
N ASP B 78 20.83 5.79 8.55
CA ASP B 78 19.83 5.63 9.60
C ASP B 78 20.19 6.45 10.82
N ARG B 79 21.49 6.58 11.10
CA ARG B 79 21.93 7.24 12.31
C ARG B 79 22.23 8.71 12.07
N TRP B 80 22.68 9.06 10.86
CA TRP B 80 22.90 10.46 10.49
C TRP B 80 21.62 11.25 10.51
N GLY B 81 20.50 10.64 10.11
CA GLY B 81 19.20 11.27 10.20
C GLY B 81 19.03 12.45 9.27
N LEU B 82 19.51 12.30 8.04
CA LEU B 82 19.44 13.38 7.06
C LEU B 82 18.07 13.50 6.42
N GLY B 83 17.16 12.58 6.69
CA GLY B 83 15.86 12.61 6.05
C GLY B 83 15.88 12.18 4.61
N LEU B 84 16.70 11.19 4.28
CA LEU B 84 16.85 10.71 2.91
C LEU B 84 16.43 9.25 2.79
N LEU B 85 15.51 8.84 3.68
CA LEU B 85 14.99 7.46 3.75
C LEU B 85 14.13 7.13 2.53
N HIS B 86 13.64 8.14 1.83
CA HIS B 86 12.90 7.97 0.60
C HIS B 86 13.79 7.64 -0.59
N LEU B 87 15.10 7.74 -0.43
CA LEU B 87 16.07 7.46 -1.47
C LEU B 87 16.76 6.13 -1.19
N GLN B 88 17.14 5.44 -2.26
CA GLN B 88 17.84 4.17 -2.13
C GLN B 88 19.34 4.42 -2.18
N HIS B 89 20.04 4.00 -1.14
CA HIS B 89 21.47 4.24 -1.00
C HIS B 89 22.24 2.97 -1.28
N SER B 90 23.33 3.09 -2.05
CA SER B 90 24.18 1.96 -2.34
C SER B 90 25.59 2.45 -2.61
N ALA B 91 26.54 1.53 -2.49
CA ALA B 91 27.94 1.81 -2.73
C ALA B 91 28.49 0.80 -3.73
N ARG B 92 29.28 1.28 -4.67
CA ARG B 92 29.89 0.44 -5.69
C ARG B 92 31.36 0.84 -5.86
N LEU B 93 32.20 -0.17 -6.09
CA LEU B 93 33.61 0.09 -6.31
C LEU B 93 33.83 0.70 -7.69
N ILE B 94 34.70 1.70 -7.71
CA ILE B 94 35.08 2.34 -8.99
C ILE B 94 36.35 1.65 -9.46
N HIS B 95 36.31 1.17 -10.69
CA HIS B 95 37.49 0.46 -11.24
C HIS B 95 38.27 1.42 -12.12
N THR B 96 39.58 1.43 -11.89
CA THR B 96 40.57 2.17 -12.70
C THR B 96 41.38 1.10 -13.43
N ASP B 97 41.19 1.05 -14.73
CA ASP B 97 41.82 0.03 -15.58
C ASP B 97 41.43 -1.38 -15.15
N GLY B 98 40.17 -1.57 -14.78
CA GLY B 98 39.65 -2.85 -14.33
C GLY B 98 39.94 -3.20 -12.89
N VAL B 99 40.71 -2.38 -12.19
CA VAL B 99 41.13 -2.64 -10.81
C VAL B 99 40.45 -1.62 -9.91
N PRO B 100 39.88 -2.02 -8.77
CA PRO B 100 39.19 -1.06 -7.90
C PRO B 100 40.11 0.01 -7.31
N SER B 101 39.63 1.24 -7.30
CA SER B 101 40.41 2.37 -6.78
C SER B 101 39.64 3.31 -5.86
N ASP B 102 38.32 3.39 -5.93
CA ASP B 102 37.57 4.29 -5.08
C ASP B 102 36.17 3.74 -4.93
N ILE B 103 35.40 4.36 -4.03
CA ILE B 103 34.05 3.91 -3.69
C ILE B 103 33.08 4.99 -4.09
N ALA B 104 32.17 4.66 -5.00
CA ALA B 104 31.12 5.59 -5.39
C ALA B 104 29.91 5.42 -4.48
N LEU B 105 29.31 6.54 -4.10
CA LEU B 105 28.09 6.55 -3.30
C LEU B 105 26.92 6.87 -4.22
N LEU B 106 25.97 5.94 -4.28
CA LEU B 106 24.88 6.02 -5.23
C LEU B 106 23.58 6.36 -4.54
N VAL B 107 22.77 7.17 -5.22
CA VAL B 107 21.42 7.51 -4.80
C VAL B 107 20.50 7.20 -5.97
N ASP B 108 19.56 6.26 -5.76
CA ASP B 108 18.60 5.78 -6.76
C ASP B 108 19.29 5.29 -8.03
N GLY B 109 20.38 4.55 -7.84
CA GLY B 109 21.12 3.97 -8.94
C GLY B 109 22.09 4.90 -9.63
N ALA B 110 22.21 6.14 -9.20
CA ALA B 110 23.05 7.12 -9.88
C ALA B 110 24.24 7.49 -9.01
N PRO B 111 25.46 7.40 -9.54
CA PRO B 111 26.63 7.86 -8.78
C PRO B 111 26.60 9.37 -8.57
N ARG B 112 26.67 9.76 -7.31
CA ARG B 112 26.55 11.16 -6.88
C ARG B 112 27.76 11.62 -6.06
N ALA B 113 28.52 10.71 -5.52
CA ALA B 113 29.63 11.06 -4.66
C ALA B 113 30.69 9.98 -4.78
N GLN B 114 31.88 10.30 -4.27
CA GLN B 114 32.98 9.34 -4.23
C GLN B 114 33.84 9.65 -3.01
N LEU B 115 34.46 8.60 -2.49
CA LEU B 115 35.13 8.70 -1.19
C LEU B 115 36.44 9.45 -1.25
N SER B 116 37.01 9.62 -2.45
CA SER B 116 38.25 10.37 -2.57
C SER B 116 38.05 11.87 -2.50
N ASP B 117 36.80 12.35 -2.58
CA ASP B 117 36.51 13.77 -2.48
C ASP B 117 36.51 14.29 -1.05
N GLY B 118 36.45 13.43 -0.06
CA GLY B 118 36.43 13.86 1.32
C GLY B 118 35.02 14.02 1.87
N ALA B 119 34.94 14.13 3.20
CA ALA B 119 33.66 14.08 3.87
C ALA B 119 32.87 15.38 3.74
N ARG B 120 33.58 16.50 3.52
CA ARG B 120 32.88 17.77 3.30
C ARG B 120 32.11 17.76 1.99
N ALA B 121 32.70 17.18 0.94
CA ALA B 121 32.01 17.12 -0.35
C ALA B 121 30.88 16.10 -0.32
N ILE B 122 31.03 15.05 0.48
CA ILE B 122 29.96 14.06 0.63
C ILE B 122 28.80 14.65 1.42
N ALA B 123 29.10 15.42 2.47
CA ALA B 123 28.06 16.03 3.29
C ALA B 123 27.31 17.12 2.51
N GLY B 124 28.01 17.83 1.63
CA GLY B 124 27.34 18.85 0.84
C GLY B 124 26.49 18.26 -0.26
N THR B 125 26.84 17.07 -0.74
CA THR B 125 26.06 16.42 -1.79
C THR B 125 24.73 15.93 -1.23
N TYR B 126 24.72 15.34 -0.04
CA TYR B 126 23.47 14.89 0.56
C TYR B 126 22.64 16.06 1.06
N ALA B 127 23.28 17.17 1.42
CA ALA B 127 22.54 18.33 1.89
C ALA B 127 21.77 18.99 0.75
N SER B 128 22.27 18.88 -0.48
CA SER B 128 21.52 19.31 -1.64
C SER B 128 20.29 18.45 -1.88
N MET B 129 20.32 17.20 -1.43
CA MET B 129 19.18 16.30 -1.48
C MET B 129 18.23 16.48 -0.31
N GLN B 130 18.61 17.29 0.66
CA GLN B 130 17.96 17.32 1.96
C GLN B 130 16.90 18.42 2.00
N ALA B 131 15.85 18.18 2.78
CA ALA B 131 14.76 19.15 2.96
C ALA B 131 14.53 19.35 4.45
N PRO B 132 15.31 20.23 5.09
CA PRO B 132 15.14 20.43 6.53
C PRO B 132 13.93 21.31 6.82
N GLY B 133 13.29 21.02 7.96
CA GLY B 133 12.11 21.75 8.34
C GLY B 133 12.40 22.89 9.28
N PRO B 134 11.34 23.55 9.75
CA PRO B 134 11.52 24.70 10.65
C PRO B 134 11.99 24.33 12.03
N GLU B 135 11.86 23.07 12.44
CA GLU B 135 12.17 22.65 13.81
C GLU B 135 13.24 21.55 13.83
N GLY B 136 14.09 21.49 12.81
CA GLY B 136 15.17 20.53 12.81
C GLY B 136 14.77 19.11 12.43
N ARG B 137 13.68 18.93 11.71
CA ARG B 137 13.21 17.61 11.30
C ARG B 137 12.98 17.59 9.80
N SER B 138 12.98 16.38 9.24
CA SER B 138 12.74 16.22 7.81
C SER B 138 11.26 16.39 7.51
N GLU B 139 10.96 17.11 6.42
CA GLU B 139 9.58 17.35 6.02
C GLU B 139 9.06 16.28 5.08
N TRP B 140 9.93 15.70 4.27
CA TRP B 140 9.52 14.70 3.30
C TRP B 140 9.19 13.38 3.98
N GLY B 141 8.27 12.65 3.36
CA GLY B 141 7.91 11.34 3.87
C GLY B 141 8.86 10.26 3.43
N ILE B 142 8.86 9.17 4.19
CA ILE B 142 9.72 8.04 3.89
C ILE B 142 9.13 7.20 2.78
N LEU B 143 7.82 6.93 2.87
CA LEU B 143 7.11 6.28 1.80
C LEU B 143 6.92 7.27 0.64
N PRO B 144 6.54 6.79 -0.54
CA PRO B 144 6.06 7.70 -1.59
C PRO B 144 4.86 8.51 -1.13
N GLU B 145 4.65 9.64 -1.82
CA GLU B 145 3.79 10.71 -1.34
C GLU B 145 2.35 10.26 -1.20
N GLY B 146 1.85 10.30 0.03
CA GLY B 146 0.53 9.80 0.33
C GLY B 146 0.12 10.24 1.72
N HIS B 147 -0.75 9.43 2.32
CA HIS B 147 -1.28 9.79 3.64
C HIS B 147 -0.29 9.45 4.73
N ARG B 148 -0.20 10.32 5.74
CA ARG B 148 0.59 10.08 6.92
C ARG B 148 -0.26 10.30 8.17
N VAL B 149 -0.07 9.46 9.17
CA VAL B 149 -0.92 9.45 10.34
C VAL B 149 -0.48 10.53 11.30
N THR B 150 -1.43 11.31 11.80
CA THR B 150 -1.21 12.18 12.94
C THR B 150 -1.74 11.43 14.15
N LEU B 151 -0.82 10.97 15.01
CA LEU B 151 -1.22 10.13 16.13
C LEU B 151 -1.92 10.93 17.20
N ARG B 152 -3.01 10.38 17.69
CA ARG B 152 -3.61 10.78 18.95
C ARG B 152 -2.83 10.16 20.09
N PRO B 153 -3.03 10.63 21.33
CA PRO B 153 -2.42 9.94 22.47
C PRO B 153 -2.97 8.54 22.66
N GLY B 154 -2.07 7.58 22.82
CA GLY B 154 -2.43 6.19 23.04
C GLY B 154 -1.80 5.29 21.99
N LEU B 155 -2.24 4.03 22.02
CA LEU B 155 -1.82 3.06 21.02
C LEU B 155 -3.01 2.42 20.31
N GLY B 156 -4.15 3.12 20.25
CA GLY B 156 -5.29 2.57 19.55
C GLY B 156 -5.10 2.59 18.04
N GLN B 157 -4.50 3.67 17.52
CA GLN B 157 -4.24 3.76 16.09
C GLN B 157 -3.12 2.81 15.67
N LEU B 158 -2.01 2.81 16.42
CA LEU B 158 -0.86 2.02 16.02
C LEU B 158 -1.10 0.52 16.16
N ARG B 159 -2.07 0.11 16.98
CA ARG B 159 -2.34 -1.33 17.10
C ARG B 159 -2.98 -1.87 15.84
N VAL B 160 -3.94 -1.13 15.27
CA VAL B 160 -4.57 -1.55 14.03
C VAL B 160 -3.59 -1.42 12.86
N LEU B 161 -2.76 -0.38 12.88
CA LEU B 161 -1.80 -0.15 11.80
C LEU B 161 -0.70 -1.20 11.78
N ILE B 162 -0.26 -1.65 12.95
CA ILE B 162 0.76 -2.68 13.00
C ILE B 162 0.18 -4.05 12.71
N GLU B 163 -0.98 -4.37 13.30
CA GLU B 163 -1.56 -5.71 13.13
C GLU B 163 -2.29 -5.86 11.80
N ASP B 164 -3.17 -4.93 11.47
CA ASP B 164 -4.14 -5.12 10.41
C ASP B 164 -3.80 -4.41 9.10
N ALA B 165 -3.02 -3.34 9.14
CA ALA B 165 -2.81 -2.58 7.94
C ALA B 165 -1.64 -3.13 7.13
N ARG B 166 -1.56 -2.64 5.90
CA ARG B 166 -0.40 -2.78 5.02
C ARG B 166 0.49 -1.56 5.23
N ASP B 167 1.25 -1.18 4.20
CA ASP B 167 2.09 0.02 4.24
C ASP B 167 1.38 1.22 4.84
N PHE B 168 2.04 1.89 5.79
CA PHE B 168 1.52 3.10 6.41
C PHE B 168 2.71 3.92 6.87
N GLU B 169 2.46 5.17 7.26
CA GLU B 169 3.53 6.05 7.72
C GLU B 169 2.99 7.02 8.75
N THR B 170 3.77 7.25 9.79
CA THR B 170 3.38 8.20 10.84
C THR B 170 4.20 9.47 10.71
N HIS B 171 3.58 10.58 11.09
CA HIS B 171 4.25 11.85 11.30
C HIS B 171 5.15 11.80 12.54
N TRP B 172 5.85 12.90 12.79
CA TRP B 172 6.65 12.98 13.99
C TRP B 172 5.75 13.16 15.22
N THR B 173 6.02 12.37 16.25
CA THR B 173 5.36 12.51 17.54
C THR B 173 6.43 12.61 18.63
N PRO B 174 6.26 13.51 19.60
CA PRO B 174 7.34 13.79 20.54
C PRO B 174 7.47 12.73 21.63
N GLY B 175 8.60 12.81 22.32
CA GLY B 175 8.89 11.94 23.44
C GLY B 175 9.75 12.68 24.45
N ALA B 176 10.31 11.93 25.38
CA ALA B 176 11.13 12.52 26.42
C ALA B 176 12.52 12.90 25.89
N ALA B 177 13.15 13.85 26.59
CA ALA B 177 14.49 14.38 26.28
C ALA B 177 14.59 14.95 24.88
N GLN B 178 13.56 15.72 24.49
CA GLN B 178 13.48 16.47 23.23
C GLN B 178 13.54 15.56 22.01
N THR B 179 12.98 14.35 22.10
CA THR B 179 13.02 13.41 20.99
C THR B 179 11.74 13.46 20.18
N TRP B 180 11.77 12.78 19.04
CA TRP B 180 10.64 12.71 18.11
C TRP B 180 10.62 11.32 17.49
N THR B 181 9.44 10.73 17.38
CA THR B 181 9.29 9.37 16.89
C THR B 181 8.36 9.33 15.69
N ARG B 182 8.66 8.40 14.77
CA ARG B 182 7.74 8.06 13.69
C ARG B 182 7.91 6.59 13.34
N THR B 183 6.85 6.03 12.76
CA THR B 183 6.74 4.60 12.53
C THR B 183 6.17 4.36 11.14
N TRP B 184 6.75 3.41 10.41
CA TRP B 184 6.21 3.13 9.09
C TRP B 184 6.41 1.66 8.76
N ARG B 185 5.54 1.17 7.88
CA ARG B 185 5.68 -0.13 7.26
C ARG B 185 5.86 0.05 5.76
N GLN B 186 6.83 -0.63 5.19
CA GLN B 186 6.97 -0.74 3.74
C GLN B 186 7.14 -2.20 3.39
N GLY B 187 6.13 -2.77 2.72
CA GLY B 187 6.17 -4.19 2.41
C GLY B 187 5.92 -5.02 3.64
N GLU B 188 6.88 -5.88 3.97
CA GLU B 188 6.81 -6.71 5.16
C GLU B 188 7.65 -6.15 6.31
N THR B 189 8.19 -4.94 6.17
CA THR B 189 9.15 -4.40 7.11
C THR B 189 8.50 -3.28 7.92
N LEU B 190 8.35 -3.51 9.22
CA LEU B 190 7.98 -2.47 10.17
C LEU B 190 9.25 -1.78 10.66
N ALA B 191 9.17 -0.46 10.83
CA ALA B 191 10.34 0.32 11.21
C ALA B 191 9.94 1.51 12.07
N VAL B 192 10.79 1.85 13.03
CA VAL B 192 10.56 2.98 13.91
C VAL B 192 11.84 3.81 14.00
N GLU B 193 11.67 5.12 14.06
CA GLU B 193 12.80 6.07 14.13
C GLU B 193 12.63 7.00 15.34
N VAL B 194 13.66 7.06 16.18
CA VAL B 194 13.69 8.03 17.30
C VAL B 194 14.73 9.07 16.90
N HIS B 195 14.32 10.31 16.82
CA HIS B 195 15.24 11.34 16.34
C HIS B 195 15.34 12.51 17.30
N ARG B 196 16.57 12.88 17.64
CA ARG B 196 16.88 14.11 18.35
C ARG B 196 17.72 14.97 17.43
N PRO B 197 17.29 16.21 17.13
CA PRO B 197 17.94 17.01 16.09
C PRO B 197 19.37 17.40 16.44
N ALA B 198 20.32 16.93 15.64
CA ALA B 198 21.73 17.18 15.88
C ALA B 198 22.43 17.41 14.56
N THR B 199 22.90 18.64 14.36
CA THR B 199 23.83 19.01 13.32
C THR B 199 25.25 18.82 13.84
N PRO B 200 26.26 18.74 12.95
CA PRO B 200 27.65 18.69 13.44
C PRO B 200 28.08 19.95 14.16
N ALA B 201 27.49 21.10 13.80
CA ALA B 201 27.76 22.32 14.54
C ALA B 201 27.19 22.26 15.95
N THR B 202 26.03 21.62 16.10
CA THR B 202 25.44 21.41 17.43
C THR B 202 26.30 20.46 18.26
N ALA B 203 26.78 19.38 17.64
CA ALA B 203 27.56 18.39 18.36
C ALA B 203 28.93 18.92 18.75
N LEU B 204 29.53 19.77 17.92
CA LEU B 204 30.80 20.38 18.27
C LEU B 204 30.64 21.44 19.34
N ALA B 205 29.49 22.13 19.35
CA ALA B 205 29.21 23.08 20.42
C ALA B 205 28.89 22.37 21.72
N LYS B 206 28.23 21.22 21.64
CA LYS B 206 27.90 20.44 22.82
C LYS B 206 29.14 19.83 23.44
N ALA B 207 30.10 19.44 22.60
CA ALA B 207 31.35 18.89 23.11
C ALA B 207 32.27 19.98 23.63
N ALA B 208 32.13 21.20 23.08
CA ALA B 208 32.91 22.33 23.57
C ALA B 208 32.49 22.72 24.98
N TRP B 209 31.17 22.66 25.24
CA TRP B 209 30.65 22.91 26.58
C TRP B 209 31.07 21.81 27.55
N LYS B 210 31.26 20.60 27.04
CA LYS B 210 31.73 19.50 27.88
C LYS B 210 33.15 19.73 28.39
N VAL B 211 34.00 20.32 27.54
CA VAL B 211 35.38 20.56 27.94
C VAL B 211 35.47 21.75 28.90
N ILE B 212 34.73 22.82 28.59
CA ILE B 212 34.87 24.08 29.32
C ILE B 212 34.33 23.94 30.75
N THR B 213 33.24 23.18 30.91
CA THR B 213 32.70 22.97 32.25
C THR B 213 33.52 21.99 33.08
N SER B 214 34.53 21.34 32.50
CA SER B 214 35.42 20.47 33.25
C SER B 214 36.76 21.12 33.58
N ILE B 215 36.92 22.41 33.26
CA ILE B 215 38.16 23.12 33.59
C ILE B 215 38.24 23.34 35.09
N LYS B 216 39.42 23.04 35.67
CA LYS B 216 39.63 23.26 37.09
C LYS B 216 39.64 24.75 37.43
N ASP B 217 40.29 25.55 36.58
CA ASP B 217 40.40 27.00 36.90
C ASP B 217 39.09 27.70 36.57
N ARG B 218 38.44 28.28 37.59
CA ARG B 218 37.22 29.04 37.37
C ARG B 218 37.50 30.36 36.66
N THR B 219 38.74 30.85 36.71
CA THR B 219 39.11 32.06 35.99
C THR B 219 39.27 31.77 34.50
N PHE B 220 39.92 30.66 34.17
CA PHE B 220 40.12 30.30 32.77
C PHE B 220 38.81 29.82 32.14
N GLN B 221 37.91 29.25 32.94
CA GLN B 221 36.60 28.84 32.46
C GLN B 221 35.71 30.04 32.17
N ARG B 222 35.80 31.07 33.01
CA ARG B 222 35.03 32.32 32.84
C ARG B 222 35.49 33.02 31.57
N GLU B 223 36.79 32.98 31.29
CA GLU B 223 37.34 33.64 30.09
C GLU B 223 36.80 32.99 28.80
N LEU B 224 36.76 31.66 28.76
CA LEU B 224 36.28 30.93 27.56
C LEU B 224 34.81 31.18 27.31
N MET B 225 33.97 31.25 28.34
CA MET B 225 32.53 31.36 28.10
C MET B 225 32.13 32.78 27.76
N GLU B 226 32.96 33.75 28.19
CA GLU B 226 32.72 35.19 27.90
C GLU B 226 33.02 35.42 26.42
N ARG B 227 33.93 34.62 25.86
CA ARG B 227 34.31 34.72 24.43
C ARG B 227 33.29 33.93 23.60
N SER B 228 32.74 32.85 24.19
CA SER B 228 31.74 32.04 23.49
C SER B 228 30.50 32.86 23.18
N ASN B 229 30.26 33.93 23.93
CA ASN B 229 29.13 34.80 23.65
C ASN B 229 29.37 35.63 22.40
N GLN B 230 30.63 35.81 22.00
CA GLN B 230 30.99 36.58 20.83
C GLN B 230 31.32 35.71 19.61
N VAL B 231 32.15 34.69 19.84
CA VAL B 231 32.59 33.79 18.73
C VAL B 231 31.92 32.41 18.82
N GLY B 232 31.22 32.11 19.90
CA GLY B 232 30.61 30.78 20.05
C GLY B 232 31.49 29.85 20.88
N MET B 233 30.89 28.79 21.40
CA MET B 233 31.59 27.82 22.30
C MET B 233 32.75 27.10 21.60
N LEU B 234 32.52 26.59 20.38
CA LEU B 234 33.61 25.86 19.68
C LEU B 234 34.75 26.81 19.32
N GLY B 235 34.43 28.02 18.85
CA GLY B 235 35.44 29.01 18.45
C GLY B 235 36.32 29.43 19.62
N ALA B 236 35.69 29.63 20.78
CA ALA B 236 36.36 30.02 22.02
C ALA B 236 37.32 28.94 22.48
N LEU B 237 36.96 27.68 22.26
CA LEU B 237 37.83 26.58 22.66
C LEU B 237 39.00 26.44 21.70
N LEU B 238 38.75 26.65 20.41
CA LEU B 238 39.83 26.55 19.43
C LEU B 238 40.73 27.77 19.47
N GLY B 239 40.24 28.88 20.02
CA GLY B 239 41.11 30.03 20.25
C GLY B 239 42.06 29.84 21.40
N ALA B 240 41.80 28.89 22.29
CA ALA B 240 42.64 28.61 23.44
C ALA B 240 43.48 27.36 23.25
N ARG B 241 43.59 26.86 22.02
CA ARG B 241 44.45 25.75 21.67
C ARG B 241 45.51 26.26 20.70
N HIS B 242 46.12 25.29 20.01
CA HIS B 242 47.16 25.60 19.01
C HIS B 242 46.51 26.28 17.82
N SER B 243 47.30 26.95 17.04
CA SER B 243 46.73 27.81 16.01
C SER B 243 46.20 27.02 14.81
N GLY B 244 46.62 25.78 14.65
CA GLY B 244 46.17 24.99 13.52
C GLY B 244 45.09 23.99 13.86
N ALA B 245 44.33 24.26 14.92
CA ALA B 245 43.34 23.29 15.39
C ALA B 245 42.06 23.35 14.57
N GLY B 246 41.71 24.53 14.04
CA GLY B 246 40.47 24.67 13.32
C GLY B 246 40.49 24.01 11.95
N ASP B 247 41.62 24.14 11.25
CA ASP B 247 41.75 23.52 9.94
C ASP B 247 41.97 22.02 10.07
N ALA B 248 42.52 21.57 11.19
CA ALA B 248 42.66 20.14 11.42
C ALA B 248 41.33 19.52 11.82
N LEU B 249 40.44 20.32 12.40
CA LEU B 249 39.09 19.86 12.69
C LEU B 249 38.29 19.67 11.42
N ASN B 250 38.51 20.54 10.43
CA ASN B 250 37.78 20.49 9.17
C ASN B 250 38.15 19.27 8.33
N GLN B 251 39.35 18.72 8.52
CA GLN B 251 39.73 17.51 7.80
C GLN B 251 38.96 16.30 8.32
N LEU B 252 38.51 16.35 9.57
CA LEU B 252 37.88 15.21 10.18
C LEU B 252 36.46 15.03 9.64
N PRO B 253 36.03 13.79 9.41
CA PRO B 253 34.62 13.56 9.01
C PRO B 253 33.62 13.83 10.11
N GLU B 254 34.10 14.02 11.34
CA GLU B 254 33.27 14.34 12.51
C GLU B 254 32.76 15.76 12.45
N ALA B 255 33.39 16.60 11.67
CA ALA B 255 32.95 17.99 11.54
C ALA B 255 31.91 18.17 10.44
N HIS B 256 31.45 17.09 9.82
CA HIS B 256 30.54 17.16 8.71
C HIS B 256 29.37 16.20 8.80
N PHE B 257 29.41 15.26 9.74
CA PHE B 257 28.36 14.28 9.96
C PHE B 257 28.14 14.13 11.46
N ALA B 258 26.88 14.08 11.87
CA ALA B 258 26.52 13.88 13.26
C ALA B 258 25.36 12.90 13.33
N VAL B 259 25.34 12.11 14.40
CA VAL B 259 24.23 11.20 14.66
C VAL B 259 23.04 11.99 15.17
N SER B 260 21.89 11.83 14.52
CA SER B 260 20.67 12.47 14.96
C SER B 260 19.48 11.55 15.04
N SER B 261 19.59 10.30 14.61
CA SER B 261 18.47 9.38 14.64
C SER B 261 18.98 7.98 14.94
N ALA B 262 18.02 7.05 15.05
CA ALA B 262 18.28 5.63 15.22
C ALA B 262 17.06 4.86 14.75
N VAL B 263 17.25 3.87 13.89
CA VAL B 263 16.15 3.16 13.25
C VAL B 263 16.27 1.68 13.57
N VAL B 264 15.16 1.09 14.05
CA VAL B 264 15.07 -0.34 14.32
C VAL B 264 14.00 -0.92 13.39
N ARG B 265 14.29 -2.06 12.77
CA ARG B 265 13.39 -2.69 11.81
C ARG B 265 13.07 -4.12 12.21
N GLU B 266 11.90 -4.58 11.77
CA GLU B 266 11.44 -5.94 11.99
C GLU B 266 10.67 -6.42 10.78
N THR B 267 10.96 -7.66 10.35
CA THR B 267 10.29 -8.27 9.21
C THR B 267 9.50 -9.48 9.68
N GLY B 268 8.72 -10.04 8.76
CA GLY B 268 7.95 -11.22 9.10
C GLY B 268 6.71 -10.92 9.90
N ARG B 269 6.22 -11.96 10.58
CA ARG B 269 4.95 -11.83 11.29
C ARG B 269 5.12 -11.14 12.65
N GLU B 270 6.36 -11.05 13.14
CA GLU B 270 6.59 -10.26 14.35
C GLU B 270 6.62 -8.76 14.07
N GLY B 271 6.60 -8.35 12.81
CA GLY B 271 6.33 -6.98 12.46
C GLY B 271 4.87 -6.59 12.55
N ARG B 272 3.99 -7.53 12.88
CA ARG B 272 2.59 -7.25 13.16
C ARG B 272 2.23 -7.47 14.63
N GLU B 273 3.23 -7.49 15.51
CA GLU B 273 3.01 -7.58 16.94
C GLU B 273 3.30 -6.22 17.58
N VAL B 274 2.45 -5.82 18.52
CA VAL B 274 2.60 -4.52 19.16
C VAL B 274 3.71 -4.58 20.22
N ASP B 275 3.85 -5.74 20.88
CA ASP B 275 4.87 -5.89 21.92
C ASP B 275 6.27 -5.87 21.32
N ARG B 276 6.42 -6.31 20.07
CA ARG B 276 7.70 -6.16 19.39
C ARG B 276 7.99 -4.69 19.12
N TRP B 277 6.96 -3.92 18.74
CA TRP B 277 7.13 -2.51 18.42
C TRP B 277 7.53 -1.69 19.64
N LYS B 278 7.01 -2.05 20.81
CA LYS B 278 7.38 -1.35 22.04
C LYS B 278 8.85 -1.59 22.37
N ALA B 279 9.34 -2.80 22.08
CA ALA B 279 10.76 -3.07 22.24
C ALA B 279 11.58 -2.36 21.18
N MET B 280 10.98 -2.07 20.03
CA MET B 280 11.71 -1.46 18.93
C MET B 280 12.04 0.01 19.20
N GLN B 281 11.05 0.80 19.64
CA GLN B 281 11.37 2.21 19.87
C GLN B 281 12.06 2.40 21.21
N ARG B 282 11.98 1.41 22.09
CA ARG B 282 12.84 1.40 23.27
C ARG B 282 14.29 1.20 22.85
N GLU B 283 14.52 0.25 21.95
CA GLU B 283 15.86 -0.02 21.43
C GLU B 283 16.41 1.18 20.66
N ALA B 284 15.54 1.87 19.92
CA ALA B 284 15.98 3.00 19.11
C ALA B 284 16.27 4.22 19.98
N THR B 285 15.52 4.40 21.06
CA THR B 285 15.79 5.50 21.97
C THR B 285 17.09 5.28 22.73
N GLU B 286 17.35 4.05 23.16
CA GLU B 286 18.58 3.74 23.87
C GLU B 286 19.79 3.80 22.94
N THR B 287 19.61 3.43 21.68
CA THR B 287 20.71 3.53 20.72
C THR B 287 21.03 4.98 20.40
N LEU B 288 19.99 5.81 20.24
CA LEU B 288 20.19 7.23 19.97
C LEU B 288 20.87 7.95 21.12
N ASP B 289 20.49 7.61 22.36
CA ASP B 289 21.08 8.25 23.52
C ASP B 289 22.51 7.79 23.75
N GLU B 290 22.79 6.52 23.46
CA GLU B 290 24.13 5.99 23.67
C GLU B 290 25.11 6.51 22.62
N LEU B 291 24.64 6.70 21.39
CA LEU B 291 25.52 7.21 20.34
C LEU B 291 25.81 8.69 20.53
N GLN B 292 24.80 9.46 20.95
CA GLN B 292 24.98 10.91 21.07
C GLN B 292 25.80 11.28 22.28
N LYS B 293 25.86 10.40 23.29
CA LYS B 293 26.75 10.66 24.42
C LYS B 293 28.16 10.15 24.15
N ALA B 294 28.29 9.09 23.35
CA ALA B 294 29.60 8.63 22.95
C ALA B 294 30.21 9.55 21.90
N ALA B 295 29.37 10.25 21.14
CA ALA B 295 29.89 11.22 20.17
C ALA B 295 30.33 12.49 20.86
N THR B 296 29.64 12.89 21.92
CA THR B 296 30.02 14.07 22.67
C THR B 296 31.33 13.84 23.42
N ARG B 297 31.54 12.62 23.91
CA ARG B 297 32.78 12.29 24.62
C ARG B 297 33.97 12.24 23.69
N ARG B 298 33.85 11.60 22.53
CA ARG B 298 35.01 11.45 21.66
C ARG B 298 35.35 12.76 20.96
N LEU B 299 34.32 13.59 20.80
CA LEU B 299 34.49 14.93 20.21
C LEU B 299 35.22 15.83 21.21
N ALA B 300 34.93 15.66 22.49
CA ALA B 300 35.56 16.44 23.55
C ALA B 300 37.01 16.03 23.74
N ALA B 301 37.33 14.77 23.46
CA ALA B 301 38.71 14.31 23.55
C ALA B 301 39.52 14.81 22.35
N VAL B 302 38.87 14.98 21.22
CA VAL B 302 39.53 15.55 20.04
C VAL B 302 39.83 17.02 20.26
N LEU B 303 38.85 17.77 20.75
CA LEU B 303 39.04 19.21 20.94
C LEU B 303 39.96 19.55 22.10
N SER B 304 40.21 18.62 23.02
CA SER B 304 41.08 18.90 24.15
C SER B 304 42.53 18.57 23.84
N GLY B 305 42.81 17.29 23.58
CA GLY B 305 44.17 16.84 23.41
C GLY B 305 44.53 16.41 22.00
N GLY B 306 43.55 16.25 21.13
CA GLY B 306 43.81 15.91 19.75
C GLY B 306 44.13 17.14 18.93
N LEU B 307 43.82 17.03 17.62
CA LEU B 307 44.00 18.09 16.62
C LEU B 307 45.45 18.54 16.48
N ARG B 308 46.40 17.63 16.70
CA ARG B 308 47.81 17.99 16.60
C ARG B 308 48.45 17.34 15.38
#